data_5MVF
#
_entry.id   5MVF
#
_cell.length_a   199.469
_cell.length_b   199.469
_cell.length_c   41.790
_cell.angle_alpha   90.00
_cell.angle_beta   90.00
_cell.angle_gamma   90.00
#
_symmetry.space_group_name_H-M   'P 42 21 2'
#
loop_
_entity.id
_entity.type
_entity.pdbx_description
1 polymer 'EH domain-containing protein 4'
2 non-polymer "ADENOSINE-5'-DIPHOSPHATE"
3 non-polymer 'MAGNESIUM ION'
4 water water
#
_entity_poly.entity_id   1
_entity_poly.type   'polypeptide(L)'
_entity_poly.pdbx_seq_one_letter_code
;GGSQTVTGGLRSLYQRKVLPLEEAYRFHEFHSPALEDADFENKPMILLVGQYSTGKTTFIRYLLEQDFPGMRIGPEPTTD
SFIAVMYGETEGSTPGNALVVDPKKPFRKLSRFGNAFLNRFMCSQLPNQVLKSISIIDSPGILSGEKQRISRGYDFCQVL
QWFAERVDRIILLFDAHKLDISDEFSEAIKAFRGQDDKIRVVLNKADQVDTQQLMRVYGALMWSLGKVINTPEVLRVYIG
SFWAQPLQNTDNRRLFEAEAQDLFRDIQSLPQKAAVRKLNDLIKRARLAKVHAYIISYLKKEMPNMFGKENKKRELIYRL
PEIYVQLQREYQISAGDFPEVKAMQEQLENYDFTKFHSLKPKLIEAVDNMLTNKISSLMGLISQEEMNMPTQMVQGGAFD
GTTEGPFNQGYGEGAKEGADEEEWVVAKDKPVYDELFYTLSPINGKISGVNAKKEMVTSKLPNSVLGKIWKLADCDCDGM
LDEEEFALAKHLIKIKLDGYELPNSLPPHLVPPSHRKSLPKAD
;
_entity_poly.pdbx_strand_id   A
#
loop_
_chem_comp.id
_chem_comp.type
_chem_comp.name
_chem_comp.formula
ADP non-polymer ADENOSINE-5'-DIPHOSPHATE 'C10 H15 N5 O10 P2'
MG non-polymer 'MAGNESIUM ION' 'Mg 2'
#
# COMPACT_ATOMS: atom_id res chain seq x y z
N GLY A 1 -11.77 -13.28 -4.03
CA GLY A 1 -12.25 -14.14 -5.10
C GLY A 1 -12.19 -13.48 -6.46
N GLY A 2 -13.02 -12.45 -6.66
CA GLY A 2 -13.03 -11.75 -7.94
C GLY A 2 -11.75 -10.97 -8.18
N SER A 3 -11.20 -10.37 -7.13
CA SER A 3 -9.93 -9.66 -7.23
C SER A 3 -8.74 -10.61 -7.22
N GLN A 4 -8.97 -11.92 -7.05
CA GLN A 4 -7.92 -12.90 -7.31
C GLN A 4 -7.79 -13.17 -8.81
N THR A 5 -8.88 -12.95 -9.57
CA THR A 5 -8.78 -12.97 -11.02
C THR A 5 -8.00 -11.76 -11.53
N VAL A 6 -8.25 -10.59 -10.94
CA VAL A 6 -7.50 -9.40 -11.30
C VAL A 6 -6.01 -9.62 -11.05
N THR A 7 -5.68 -10.15 -9.88
CA THR A 7 -4.29 -10.47 -9.55
C THR A 7 -3.70 -11.38 -10.61
N GLY A 8 -4.43 -12.44 -10.97
CA GLY A 8 -3.94 -13.34 -12.00
C GLY A 8 -3.77 -12.65 -13.35
N GLY A 9 -4.74 -11.82 -13.72
CA GLY A 9 -4.65 -11.13 -14.99
C GLY A 9 -3.45 -10.22 -15.09
N LEU A 10 -3.13 -9.52 -14.00
CA LEU A 10 -1.96 -8.65 -13.99
C LEU A 10 -0.67 -9.45 -14.11
N ARG A 11 -0.53 -10.49 -13.28
CA ARG A 11 0.66 -11.34 -13.36
C ARG A 11 0.82 -11.90 -14.77
N SER A 12 -0.27 -12.41 -15.35
CA SER A 12 -0.21 -12.97 -16.70
C SER A 12 0.24 -11.92 -17.71
N LEU A 13 -0.44 -10.77 -17.72
CA LEU A 13 -0.09 -9.72 -18.67
C LEU A 13 1.37 -9.30 -18.51
N TYR A 14 1.87 -9.26 -17.27
CA TYR A 14 3.25 -8.84 -17.06
C TYR A 14 4.22 -9.89 -17.60
N GLN A 15 3.98 -11.17 -17.31
CA GLN A 15 4.92 -12.21 -17.70
C GLN A 15 4.89 -12.45 -19.20
N ARG A 16 3.71 -12.42 -19.82
CA ARG A 16 3.63 -12.66 -21.25
C ARG A 16 4.20 -11.49 -22.05
N LYS A 17 3.85 -10.26 -21.66
CA LYS A 17 4.05 -9.10 -22.51
C LYS A 17 5.16 -8.17 -22.03
N VAL A 18 5.20 -7.85 -20.74
CA VAL A 18 6.15 -6.86 -20.25
C VAL A 18 7.51 -7.49 -19.96
N LEU A 19 7.53 -8.55 -19.14
CA LEU A 19 8.79 -9.14 -18.70
C LEU A 19 9.74 -9.46 -19.83
N PRO A 20 9.30 -10.01 -20.97
CA PRO A 20 10.26 -10.28 -22.06
C PRO A 20 10.94 -9.03 -22.60
N LEU A 21 10.27 -7.89 -22.56
CA LEU A 21 10.88 -6.64 -23.02
C LEU A 21 11.86 -6.10 -21.99
N GLU A 22 11.64 -6.39 -20.71
CA GLU A 22 12.60 -6.01 -19.68
C GLU A 22 13.85 -6.86 -19.76
N GLU A 23 13.69 -8.17 -19.94
CA GLU A 23 14.83 -9.07 -19.99
C GLU A 23 15.69 -8.84 -21.23
N ALA A 24 15.07 -8.46 -22.35
CA ALA A 24 15.82 -8.33 -23.60
C ALA A 24 16.84 -7.20 -23.55
N TYR A 25 16.61 -6.20 -22.70
CA TYR A 25 17.48 -5.03 -22.63
C TYR A 25 17.98 -4.79 -21.21
N ARG A 26 18.06 -5.86 -20.42
CA ARG A 26 18.65 -5.81 -19.07
C ARG A 26 18.02 -4.70 -18.24
N PHE A 27 16.70 -4.53 -18.41
CA PHE A 27 15.96 -3.56 -17.61
C PHE A 27 16.21 -3.76 -16.12
N HIS A 28 16.31 -5.01 -15.68
CA HIS A 28 16.38 -5.32 -14.26
C HIS A 28 17.70 -4.92 -13.63
N GLU A 29 18.74 -4.72 -14.44
CA GLU A 29 20.05 -4.31 -13.92
C GLU A 29 20.21 -2.80 -13.85
N PHE A 30 19.31 -2.05 -14.49
CA PHE A 30 19.37 -0.58 -14.47
C PHE A 30 18.41 0.02 -13.45
N HIS A 31 17.15 -0.43 -13.46
CA HIS A 31 16.11 0.24 -12.69
C HIS A 31 15.59 -0.64 -11.55
N SER A 32 14.66 -1.53 -11.86
CA SER A 32 14.03 -2.35 -10.82
C SER A 32 13.99 -3.81 -11.27
N PRO A 33 14.10 -4.76 -10.33
CA PRO A 33 14.16 -6.17 -10.71
C PRO A 33 12.80 -6.68 -11.19
N ALA A 34 12.84 -7.90 -11.72
CA ALA A 34 11.62 -8.56 -12.17
C ALA A 34 10.62 -8.64 -11.03
N LEU A 35 9.34 -8.54 -11.37
CA LEU A 35 8.28 -8.60 -10.38
C LEU A 35 7.96 -10.04 -10.02
N GLU A 36 8.01 -10.35 -8.73
CA GLU A 36 7.63 -11.66 -8.25
C GLU A 36 6.11 -11.76 -8.14
N ASP A 37 5.62 -13.00 -8.04
CA ASP A 37 4.19 -13.21 -7.81
C ASP A 37 3.73 -12.53 -6.53
N ALA A 38 4.65 -12.31 -5.58
CA ALA A 38 4.30 -11.60 -4.36
C ALA A 38 3.92 -10.15 -4.62
N ASP A 39 4.52 -9.54 -5.64
CA ASP A 39 4.21 -8.15 -5.98
C ASP A 39 2.76 -7.97 -6.39
N PHE A 40 2.06 -9.05 -6.74
CA PHE A 40 0.69 -8.98 -7.23
C PHE A 40 -0.35 -9.41 -6.21
N GLU A 41 -0.01 -10.35 -5.32
CA GLU A 41 -0.97 -10.93 -4.39
C GLU A 41 -1.12 -10.13 -3.10
N ASN A 42 -0.93 -8.82 -3.16
CA ASN A 42 -1.02 -7.98 -1.96
C ASN A 42 -2.47 -7.64 -1.65
N LYS A 43 -2.87 -7.93 -0.41
CA LYS A 43 -4.19 -7.52 0.08
C LYS A 43 -4.05 -6.23 0.86
N PRO A 44 -4.89 -5.22 0.63
CA PRO A 44 -4.74 -3.95 1.34
C PRO A 44 -4.82 -4.16 2.85
N MET A 45 -3.97 -3.42 3.58
CA MET A 45 -3.91 -3.53 5.02
C MET A 45 -4.58 -2.32 5.67
N ILE A 46 -4.97 -2.51 6.94
CA ILE A 46 -5.59 -1.46 7.74
C ILE A 46 -4.88 -1.41 9.08
N LEU A 47 -4.54 -0.22 9.54
CA LEU A 47 -3.88 -0.02 10.83
C LEU A 47 -4.88 0.62 11.79
N LEU A 48 -5.18 -0.09 12.89
CA LEU A 48 -6.07 0.41 13.92
C LEU A 48 -5.26 1.06 15.02
N VAL A 49 -5.31 2.38 15.09
CA VAL A 49 -4.71 3.15 16.18
C VAL A 49 -5.83 3.64 17.08
N GLY A 50 -5.69 3.40 18.38
CA GLY A 50 -6.71 3.79 19.32
C GLY A 50 -6.27 3.59 20.76
N GLN A 51 -6.72 4.47 21.65
CA GLN A 51 -6.33 4.38 23.04
C GLN A 51 -6.91 3.13 23.68
N TYR A 52 -6.47 2.87 24.91
CA TYR A 52 -6.88 1.66 25.61
C TYR A 52 -8.38 1.66 25.87
N SER A 53 -9.00 0.50 25.69
CA SER A 53 -10.42 0.28 25.99
C SER A 53 -11.35 1.03 25.03
N THR A 54 -10.83 1.50 23.89
CA THR A 54 -11.69 2.17 22.92
C THR A 54 -12.65 1.20 22.25
N GLY A 55 -12.28 -0.06 22.14
CA GLY A 55 -13.06 -1.06 21.46
C GLY A 55 -12.46 -1.59 20.16
N LYS A 56 -11.13 -1.46 19.98
CA LYS A 56 -10.50 -1.94 18.75
C LYS A 56 -10.70 -3.45 18.60
N THR A 57 -10.40 -4.21 19.66
CA THR A 57 -10.50 -5.66 19.57
C THR A 57 -11.92 -6.10 19.24
N THR A 58 -12.92 -5.41 19.83
CA THR A 58 -14.30 -5.69 19.46
C THR A 58 -14.58 -5.23 18.04
N PHE A 59 -14.12 -4.03 17.69
CA PHE A 59 -14.28 -3.51 16.33
C PHE A 59 -13.84 -4.54 15.29
N ILE A 60 -12.72 -5.22 15.55
CA ILE A 60 -12.25 -6.26 14.62
C ILE A 60 -13.23 -7.42 14.59
N ARG A 61 -13.63 -7.90 15.78
CA ARG A 61 -14.62 -8.97 15.84
C ARG A 61 -15.91 -8.56 15.17
N TYR A 62 -16.21 -7.26 15.15
CA TYR A 62 -17.44 -6.77 14.53
C TYR A 62 -17.37 -6.89 13.01
N LEU A 63 -16.26 -6.45 12.41
CA LEU A 63 -16.09 -6.57 10.97
C LEU A 63 -16.06 -8.03 10.54
N LEU A 64 -15.15 -8.81 11.13
CA LEU A 64 -15.04 -10.22 10.77
C LEU A 64 -16.31 -10.98 11.11
N GLU A 65 -17.04 -10.52 12.12
CA GLU A 65 -18.21 -11.25 12.62
C GLU A 65 -17.80 -12.63 13.08
N GLN A 66 -16.69 -12.68 13.83
CA GLN A 66 -16.05 -13.93 14.23
C GLN A 66 -14.89 -13.63 15.16
N ASP A 67 -14.56 -14.56 16.05
CA ASP A 67 -13.40 -14.41 16.91
C ASP A 67 -12.12 -14.71 16.12
N PHE A 68 -11.00 -14.22 16.63
CA PHE A 68 -9.71 -14.58 16.07
C PHE A 68 -8.75 -14.99 17.17
N PRO A 69 -7.76 -15.83 16.85
CA PRO A 69 -6.89 -16.37 17.91
C PRO A 69 -6.17 -15.27 18.68
N GLY A 70 -6.03 -15.48 19.98
CA GLY A 70 -5.35 -14.54 20.84
C GLY A 70 -5.90 -13.13 20.75
N MET A 71 -7.21 -13.01 20.49
CA MET A 71 -7.83 -11.69 20.45
C MET A 71 -7.84 -11.05 21.84
N ARG A 72 -8.28 -11.80 22.84
CA ARG A 72 -8.32 -11.33 24.23
C ARG A 72 -8.81 -9.89 24.34
N ILE A 73 -10.09 -9.71 24.60
CA ILE A 73 -10.72 -8.39 24.68
C ILE A 73 -10.40 -7.72 26.01
N ASP A 80 -0.75 -6.06 26.15
CA ASP A 80 -1.21 -5.54 24.86
C ASP A 80 -0.06 -5.49 23.86
N SER A 81 -0.37 -5.76 22.60
CA SER A 81 0.66 -5.95 21.59
C SER A 81 0.07 -5.70 20.21
N PHE A 82 0.96 -5.70 19.22
CA PHE A 82 0.54 -5.66 17.82
C PHE A 82 0.05 -7.03 17.37
N ILE A 83 -1.04 -7.04 16.60
CA ILE A 83 -1.58 -8.26 16.02
C ILE A 83 -1.86 -8.01 14.54
N ALA A 84 -1.39 -8.92 13.70
CA ALA A 84 -1.65 -8.87 12.26
C ALA A 84 -2.69 -9.95 11.96
N VAL A 85 -3.94 -9.53 11.81
CA VAL A 85 -5.04 -10.44 11.49
C VAL A 85 -5.08 -10.63 9.98
N MET A 86 -4.81 -11.85 9.53
CA MET A 86 -4.74 -12.15 8.11
C MET A 86 -5.45 -13.47 7.84
N TYR A 87 -5.74 -13.72 6.57
CA TYR A 87 -6.39 -14.96 6.20
C TYR A 87 -5.48 -16.15 6.53
N GLY A 88 -6.08 -17.33 6.62
CA GLY A 88 -5.35 -18.56 6.83
C GLY A 88 -6.23 -19.78 6.67
N GLU A 89 -5.70 -20.83 6.05
CA GLU A 89 -6.46 -22.06 5.86
C GLU A 89 -7.07 -22.54 7.17
N THR A 90 -6.28 -22.53 8.24
CA THR A 90 -6.72 -23.00 9.55
C THR A 90 -6.50 -21.92 10.59
N GLU A 91 -7.33 -21.92 11.62
CA GLU A 91 -7.17 -21.00 12.74
C GLU A 91 -5.85 -21.29 13.45
N GLY A 92 -4.91 -20.35 13.37
CA GLY A 92 -3.62 -20.54 14.00
C GLY A 92 -3.03 -19.20 14.41
N SER A 93 -1.92 -19.28 15.15
CA SER A 93 -1.23 -18.10 15.63
C SER A 93 0.26 -18.30 15.42
N THR A 94 0.93 -17.24 14.97
CA THR A 94 2.37 -17.28 14.70
C THR A 94 3.03 -16.17 15.48
N PRO A 95 3.93 -16.47 16.43
CA PRO A 95 4.58 -15.41 17.20
C PRO A 95 5.44 -14.53 16.29
N GLY A 96 5.73 -13.32 16.79
CA GLY A 96 6.45 -12.35 15.99
C GLY A 96 7.87 -12.76 15.68
N ASN A 97 8.54 -13.44 16.62
CA ASN A 97 9.93 -13.82 16.40
C ASN A 97 10.08 -14.72 15.18
N ALA A 98 9.04 -15.46 14.83
CA ALA A 98 9.05 -16.32 13.64
C ALA A 98 8.40 -15.65 12.44
N LEU A 99 7.48 -14.72 12.67
CA LEU A 99 6.79 -14.06 11.56
C LEU A 99 7.74 -13.22 10.73
N VAL A 100 8.71 -12.57 11.37
CA VAL A 100 9.58 -11.62 10.68
C VAL A 100 10.62 -12.35 9.83
N VAL A 101 10.64 -13.68 9.90
CA VAL A 101 11.52 -14.47 9.06
C VAL A 101 10.81 -14.99 7.81
N ASP A 102 9.49 -14.95 7.78
CA ASP A 102 8.72 -15.47 6.66
C ASP A 102 8.89 -14.58 5.44
N PRO A 103 9.53 -15.04 4.35
CA PRO A 103 9.69 -14.18 3.18
C PRO A 103 8.40 -13.94 2.42
N LYS A 104 7.33 -14.69 2.70
CA LYS A 104 6.02 -14.48 2.11
C LYS A 104 5.15 -13.56 2.95
N LYS A 105 5.76 -12.68 3.74
CA LYS A 105 5.06 -11.75 4.60
C LYS A 105 5.74 -10.39 4.51
N PRO A 106 4.97 -9.30 4.51
CA PRO A 106 5.59 -7.97 4.45
C PRO A 106 6.28 -7.54 5.74
N PHE A 107 6.29 -8.39 6.76
CA PHE A 107 6.82 -8.05 8.08
C PHE A 107 8.28 -8.46 8.25
N ARG A 108 9.00 -8.66 7.15
CA ARG A 108 10.39 -9.08 7.25
C ARG A 108 11.30 -7.92 7.64
N LYS A 109 10.97 -6.69 7.24
CA LYS A 109 11.78 -5.54 7.61
C LYS A 109 11.59 -5.14 9.07
N LEU A 110 10.47 -5.55 9.69
CA LEU A 110 10.23 -5.21 11.09
C LEU A 110 11.29 -5.78 12.02
N SER A 111 12.17 -6.65 11.52
CA SER A 111 13.24 -7.21 12.35
C SER A 111 14.15 -6.14 12.93
N ARG A 112 14.11 -4.92 12.40
CA ARG A 112 15.04 -3.88 12.85
C ARG A 112 14.75 -3.41 14.27
N PHE A 113 13.54 -3.64 14.78
CA PHE A 113 13.20 -3.21 16.13
C PHE A 113 13.51 -4.27 17.18
N GLY A 114 13.36 -5.54 16.85
CA GLY A 114 13.95 -6.62 17.62
C GLY A 114 13.04 -7.20 18.69
N ASN A 115 13.67 -8.01 19.55
CA ASN A 115 12.93 -8.88 20.47
C ASN A 115 11.90 -8.09 21.28
N ALA A 116 12.31 -6.98 21.91
CA ALA A 116 11.37 -6.21 22.72
C ALA A 116 10.07 -5.92 21.96
N PHE A 117 10.18 -5.74 20.63
CA PHE A 117 9.00 -5.58 19.80
C PHE A 117 8.44 -6.92 19.36
N LEU A 118 9.30 -7.81 18.86
CA LEU A 118 8.83 -9.09 18.34
C LEU A 118 8.04 -9.85 19.39
N ASN A 119 8.48 -9.81 20.65
CA ASN A 119 7.72 -10.44 21.73
C ASN A 119 6.32 -9.84 21.85
N ARG A 120 6.14 -8.59 21.42
CA ARG A 120 4.83 -7.96 21.39
C ARG A 120 4.35 -7.83 19.94
N PHE A 121 4.43 -8.91 19.18
CA PHE A 121 3.99 -8.92 17.79
C PHE A 121 3.56 -10.33 17.44
N MET A 122 2.41 -10.46 16.78
CA MET A 122 1.82 -11.76 16.50
C MET A 122 1.00 -11.70 15.22
N CYS A 123 0.86 -12.85 14.56
CA CYS A 123 -0.02 -13.00 13.41
C CYS A 123 -1.07 -14.05 13.76
N SER A 124 -2.32 -13.61 13.85
CA SER A 124 -3.44 -14.52 14.08
C SER A 124 -4.14 -14.76 12.76
N GLN A 125 -4.21 -16.02 12.35
CA GLN A 125 -4.78 -16.42 11.07
C GLN A 125 -6.10 -17.14 11.29
N LEU A 126 -6.98 -17.04 10.31
CA LEU A 126 -8.28 -17.71 10.38
C LEU A 126 -9.00 -17.60 9.04
N PRO A 127 -9.74 -18.64 8.61
CA PRO A 127 -10.53 -18.52 7.39
C PRO A 127 -11.75 -17.63 7.57
N ASN A 128 -11.71 -16.43 6.99
CA ASN A 128 -12.77 -15.45 7.15
C ASN A 128 -12.91 -14.62 5.89
N GLN A 129 -14.14 -14.44 5.42
CA GLN A 129 -14.38 -13.74 4.16
C GLN A 129 -13.63 -12.42 4.09
N VAL A 130 -13.77 -11.59 5.13
CA VAL A 130 -13.12 -10.28 5.13
C VAL A 130 -11.63 -10.43 4.85
N LEU A 131 -10.99 -11.43 5.45
CA LEU A 131 -9.54 -11.55 5.36
C LEU A 131 -9.09 -12.05 4.00
N LYS A 132 -9.98 -12.64 3.20
CA LYS A 132 -9.65 -12.97 1.83
C LYS A 132 -9.37 -11.72 0.99
N SER A 133 -9.83 -10.56 1.45
CA SER A 133 -9.73 -9.33 0.68
C SER A 133 -8.76 -8.32 1.27
N ILE A 134 -8.61 -8.29 2.60
CA ILE A 134 -7.79 -7.29 3.27
C ILE A 134 -7.21 -7.92 4.55
N SER A 135 -6.30 -7.19 5.17
CA SER A 135 -5.69 -7.60 6.43
C SER A 135 -5.78 -6.46 7.42
N ILE A 136 -5.99 -6.79 8.69
CA ILE A 136 -6.17 -5.82 9.76
C ILE A 136 -5.01 -5.94 10.73
N ILE A 137 -4.42 -4.80 11.09
CA ILE A 137 -3.28 -4.75 12.02
C ILE A 137 -3.74 -3.99 13.24
N ASP A 138 -4.13 -4.71 14.29
CA ASP A 138 -4.43 -4.07 15.56
C ASP A 138 -3.15 -3.48 16.15
N SER A 139 -3.33 -2.48 17.02
CA SER A 139 -2.21 -1.80 17.64
C SER A 139 -2.42 -1.76 19.15
N PRO A 140 -1.34 -1.73 19.93
CA PRO A 140 -1.50 -1.65 21.38
C PRO A 140 -2.29 -0.41 21.77
N GLY A 141 -3.14 -0.57 22.79
CA GLY A 141 -3.97 0.54 23.23
C GLY A 141 -3.13 1.64 23.86
N ILE A 142 -3.14 2.82 23.26
CA ILE A 142 -2.45 3.96 23.84
C ILE A 142 -3.10 4.30 25.19
N LEU A 143 -2.29 4.80 26.11
CA LEU A 143 -2.70 5.08 27.47
C LEU A 143 -3.08 6.56 27.60
N SER A 144 -3.76 6.87 28.71
CA SER A 144 -4.25 8.22 28.96
C SER A 144 -4.12 8.53 30.45
N ARG A 149 1.31 7.12 32.08
CA ARG A 149 2.75 6.97 31.96
C ARG A 149 3.16 6.33 30.63
N ILE A 150 4.44 6.00 30.51
CA ILE A 150 4.97 5.36 29.31
C ILE A 150 6.13 4.47 29.70
N SER A 151 6.32 3.39 28.94
CA SER A 151 7.47 2.49 29.10
C SER A 151 7.36 1.26 28.20
N ARG A 152 7.88 1.35 26.98
CA ARG A 152 7.93 0.19 26.09
C ARG A 152 9.37 0.06 25.61
N GLY A 153 9.88 -1.17 25.60
CA GLY A 153 11.26 -1.41 25.22
C GLY A 153 11.55 -1.27 23.74
N TYR A 154 10.59 -0.74 22.98
CA TYR A 154 10.78 -0.43 21.57
C TYR A 154 10.20 0.94 21.29
N ASP A 155 10.64 1.55 20.19
CA ASP A 155 10.16 2.88 19.81
C ASP A 155 8.74 2.74 19.28
N PHE A 156 7.76 2.98 20.14
CA PHE A 156 6.36 2.77 19.79
C PHE A 156 5.92 3.70 18.67
N CYS A 157 6.45 4.92 18.63
CA CYS A 157 6.04 5.89 17.62
C CYS A 157 6.74 5.67 16.28
N GLN A 158 7.83 4.91 16.25
CA GLN A 158 8.49 4.59 14.98
C GLN A 158 7.90 3.34 14.33
N VAL A 159 7.52 2.34 15.14
CA VAL A 159 6.87 1.16 14.60
C VAL A 159 5.50 1.52 14.04
N LEU A 160 4.74 2.36 14.75
CA LEU A 160 3.48 2.86 14.21
C LEU A 160 3.72 3.56 12.88
N GLN A 161 4.73 4.43 12.84
CA GLN A 161 5.07 5.13 11.61
C GLN A 161 5.35 4.15 10.48
N TRP A 162 5.99 3.01 10.80
CA TRP A 162 6.39 2.08 9.76
C TRP A 162 5.19 1.39 9.12
N PHE A 163 4.21 0.97 9.92
CA PHE A 163 2.99 0.39 9.37
C PHE A 163 2.26 1.39 8.49
N ALA A 164 2.21 2.66 8.93
CA ALA A 164 1.41 3.66 8.23
C ALA A 164 1.85 3.81 6.78
N GLU A 165 3.16 3.68 6.50
CA GLU A 165 3.64 3.94 5.15
C GLU A 165 3.33 2.79 4.20
N ARG A 166 3.15 1.59 4.74
CA ARG A 166 2.85 0.41 3.94
C ARG A 166 1.41 -0.03 4.07
N VAL A 167 0.62 0.67 4.87
CA VAL A 167 -0.80 0.37 5.07
C VAL A 167 -1.62 1.22 4.12
N ASP A 168 -2.78 0.71 3.73
CA ASP A 168 -3.65 1.40 2.80
C ASP A 168 -4.66 2.31 3.49
N ARG A 169 -5.03 2.00 4.74
CA ARG A 169 -6.03 2.77 5.46
C ARG A 169 -5.65 2.80 6.94
N ILE A 170 -5.72 3.98 7.54
CA ILE A 170 -5.47 4.15 8.97
C ILE A 170 -6.77 4.58 9.62
N ILE A 171 -7.14 3.92 10.71
CA ILE A 171 -8.39 4.19 11.41
C ILE A 171 -8.04 4.65 12.82
N LEU A 172 -8.13 5.96 13.06
CA LEU A 172 -8.11 6.46 14.43
C LEU A 172 -9.41 6.10 15.12
N LEU A 173 -9.32 5.57 16.33
CA LEU A 173 -10.48 5.09 17.06
C LEU A 173 -10.61 5.88 18.36
N PHE A 174 -11.77 6.48 18.57
CA PHE A 174 -12.03 7.29 19.75
C PHE A 174 -13.30 6.82 20.44
N ASP A 175 -13.41 7.14 21.72
CA ASP A 175 -14.47 6.65 22.59
C ASP A 175 -15.35 7.84 22.98
N ALA A 176 -16.62 7.80 22.57
CA ALA A 176 -17.54 8.88 22.92
C ALA A 176 -17.85 8.90 24.41
N HIS A 177 -17.72 7.76 25.10
CA HIS A 177 -17.97 7.72 26.53
C HIS A 177 -16.82 8.33 27.32
N LYS A 178 -15.60 8.34 26.77
CA LYS A 178 -14.42 8.84 27.46
C LYS A 178 -13.41 9.31 26.40
N LEU A 179 -13.69 10.46 25.79
CA LEU A 179 -12.79 11.05 24.81
C LEU A 179 -11.65 11.70 25.57
N ASP A 180 -10.50 11.04 25.61
CA ASP A 180 -9.33 11.52 26.34
C ASP A 180 -8.10 11.40 25.42
N ILE A 181 -8.05 12.23 24.39
CA ILE A 181 -6.85 12.31 23.55
C ILE A 181 -5.66 12.63 24.44
N SER A 182 -4.65 11.76 24.42
CA SER A 182 -3.46 11.93 25.24
C SER A 182 -2.31 12.45 24.38
N ASP A 183 -1.28 12.95 25.07
CA ASP A 183 -0.10 13.47 24.37
C ASP A 183 0.54 12.39 23.52
N GLU A 184 0.61 11.16 24.04
CA GLU A 184 1.18 10.06 23.26
C GLU A 184 0.38 9.84 21.98
N PHE A 185 -0.94 9.77 22.09
CA PHE A 185 -1.78 9.59 20.92
C PHE A 185 -1.59 10.73 19.93
N SER A 186 -1.57 11.97 20.43
CA SER A 186 -1.33 13.11 19.55
C SER A 186 0.02 13.01 18.87
N GLU A 187 1.03 12.53 19.60
CA GLU A 187 2.36 12.36 19.01
C GLU A 187 2.32 11.30 17.91
N ALA A 188 1.50 10.26 18.08
CA ALA A 188 1.34 9.27 17.03
C ALA A 188 0.67 9.88 15.80
N ILE A 189 -0.39 10.65 16.02
CA ILE A 189 -1.11 11.24 14.89
C ILE A 189 -0.21 12.19 14.11
N LYS A 190 0.66 12.91 14.82
CA LYS A 190 1.62 13.78 14.14
C LYS A 190 2.67 12.98 13.39
N ALA A 191 2.88 11.72 13.74
CA ALA A 191 3.79 10.86 13.00
C ALA A 191 3.17 10.33 11.71
N PHE A 192 1.85 10.36 11.59
CA PHE A 192 1.17 9.91 10.38
C PHE A 192 1.06 11.00 9.33
N ARG A 193 1.35 12.25 9.67
CA ARG A 193 1.23 13.34 8.72
C ARG A 193 2.05 13.04 7.46
N GLY A 194 1.67 13.69 6.37
CA GLY A 194 2.16 13.34 5.06
C GLY A 194 1.44 12.17 4.44
N GLN A 195 0.52 11.54 5.16
CA GLN A 195 -0.29 10.44 4.66
C GLN A 195 -1.70 10.58 5.20
N ASP A 196 -2.23 11.80 5.15
CA ASP A 196 -3.55 12.08 5.71
C ASP A 196 -4.65 11.42 4.88
N ASP A 197 -4.42 11.24 3.57
CA ASP A 197 -5.40 10.60 2.71
C ASP A 197 -5.69 9.17 3.16
N LYS A 198 -4.77 8.54 3.89
CA LYS A 198 -4.98 7.19 4.40
C LYS A 198 -5.80 7.16 5.67
N ILE A 199 -6.04 8.30 6.31
CA ILE A 199 -6.62 8.31 7.65
C ILE A 199 -8.14 8.41 7.55
N ARG A 200 -8.80 7.65 8.42
CA ARG A 200 -10.20 7.85 8.75
C ARG A 200 -10.32 7.76 10.27
N VAL A 201 -11.44 8.24 10.79
CA VAL A 201 -11.68 8.22 12.22
C VAL A 201 -12.99 7.49 12.48
N VAL A 202 -13.09 6.90 13.68
CA VAL A 202 -14.28 6.19 14.12
C VAL A 202 -14.59 6.64 15.54
N LEU A 203 -15.76 7.26 15.72
CA LEU A 203 -16.22 7.67 17.04
C LEU A 203 -17.10 6.55 17.58
N ASN A 204 -16.54 5.73 18.46
CA ASN A 204 -17.19 4.51 18.91
C ASN A 204 -18.02 4.78 20.17
N LYS A 205 -18.86 3.81 20.52
CA LYS A 205 -19.68 3.89 21.73
C LYS A 205 -20.57 5.11 21.72
N ALA A 206 -21.05 5.49 20.54
CA ALA A 206 -21.86 6.69 20.40
C ALA A 206 -23.22 6.56 21.07
N ASP A 207 -23.71 5.34 21.26
CA ASP A 207 -25.00 5.12 21.90
C ASP A 207 -24.93 5.18 23.41
N GLN A 208 -23.73 5.26 23.99
CA GLN A 208 -23.58 5.27 25.44
C GLN A 208 -23.95 6.62 26.05
N VAL A 209 -23.74 7.70 25.32
CA VAL A 209 -24.01 9.05 25.81
C VAL A 209 -25.34 9.53 25.22
N ASP A 210 -25.88 10.60 25.82
CA ASP A 210 -27.07 11.22 25.26
C ASP A 210 -26.71 12.07 24.05
N THR A 211 -27.74 12.50 23.32
CA THR A 211 -27.50 13.13 22.03
C THR A 211 -26.70 14.42 22.17
N GLN A 212 -27.00 15.23 23.19
CA GLN A 212 -26.26 16.47 23.38
C GLN A 212 -24.79 16.19 23.66
N GLN A 213 -24.51 15.24 24.56
CA GLN A 213 -23.13 14.95 24.89
C GLN A 213 -22.36 14.44 23.68
N LEU A 214 -23.01 13.70 22.79
CA LEU A 214 -22.34 13.27 21.57
C LEU A 214 -21.85 14.46 20.77
N MET A 215 -22.63 15.54 20.71
CA MET A 215 -22.22 16.70 19.95
C MET A 215 -21.01 17.37 20.58
N ARG A 216 -20.97 17.44 21.91
CA ARG A 216 -19.82 18.03 22.59
C ARG A 216 -18.56 17.20 22.34
N VAL A 217 -18.68 15.88 22.50
CA VAL A 217 -17.54 15.00 22.29
C VAL A 217 -17.10 15.05 20.83
N TYR A 218 -18.03 14.74 19.91
CA TYR A 218 -17.71 14.78 18.50
C TYR A 218 -17.13 16.13 18.08
N GLY A 219 -17.68 17.21 18.63
CA GLY A 219 -17.15 18.52 18.31
C GLY A 219 -15.75 18.72 18.88
N ALA A 220 -15.54 18.33 20.14
CA ALA A 220 -14.22 18.46 20.74
C ALA A 220 -13.19 17.59 20.03
N LEU A 221 -13.63 16.47 19.45
CA LEU A 221 -12.73 15.64 18.66
C LEU A 221 -12.20 16.40 17.44
N MET A 222 -13.10 16.77 16.53
CA MET A 222 -12.68 17.51 15.34
C MET A 222 -11.88 18.74 15.69
N TRP A 223 -12.33 19.48 16.71
CA TRP A 223 -11.64 20.71 17.13
C TRP A 223 -10.16 20.45 17.33
N SER A 224 -9.82 19.44 18.14
CA SER A 224 -8.43 19.18 18.48
C SER A 224 -7.70 18.38 17.41
N LEU A 225 -8.42 17.66 16.54
CA LEU A 225 -7.76 16.97 15.44
C LEU A 225 -7.21 17.97 14.43
N GLY A 226 -8.07 18.79 13.84
CA GLY A 226 -7.60 19.85 12.96
C GLY A 226 -6.57 20.74 13.63
N LYS A 227 -6.68 20.91 14.95
CA LYS A 227 -5.66 21.63 15.70
C LYS A 227 -4.31 20.93 15.60
N VAL A 228 -4.32 19.63 15.34
CA VAL A 228 -3.10 18.83 15.26
C VAL A 228 -2.64 18.63 13.82
N ILE A 229 -3.55 18.18 12.95
CA ILE A 229 -3.14 17.81 11.60
C ILE A 229 -2.91 19.04 10.73
N ASN A 230 -3.56 20.16 11.04
CA ASN A 230 -3.30 21.44 10.36
C ASN A 230 -3.41 21.30 8.84
N THR A 231 -4.43 20.56 8.39
CA THR A 231 -4.69 20.41 6.97
C THR A 231 -6.07 20.97 6.65
N PRO A 232 -6.22 21.76 5.58
CA PRO A 232 -7.57 22.24 5.22
C PRO A 232 -8.55 21.12 4.91
N GLU A 233 -8.06 19.91 4.64
CA GLU A 233 -8.90 18.78 4.28
C GLU A 233 -9.41 18.12 5.54
N VAL A 234 -10.65 18.44 5.91
CA VAL A 234 -11.25 17.83 7.09
C VAL A 234 -11.35 16.33 6.91
N LEU A 235 -11.21 15.59 8.01
CA LEU A 235 -11.23 14.14 8.02
C LEU A 235 -12.66 13.62 8.18
N ARG A 236 -12.85 12.37 7.76
CA ARG A 236 -14.14 11.69 7.90
C ARG A 236 -14.20 10.95 9.22
N VAL A 237 -15.27 11.16 9.97
CA VAL A 237 -15.49 10.49 11.24
C VAL A 237 -16.77 9.67 11.12
N TYR A 238 -16.63 8.35 11.21
CA TYR A 238 -17.80 7.47 11.24
C TYR A 238 -18.30 7.35 12.67
N ILE A 239 -19.51 7.86 12.91
CA ILE A 239 -20.09 7.93 14.24
C ILE A 239 -21.07 6.77 14.41
N GLY A 240 -20.83 5.92 15.40
CA GLY A 240 -21.74 4.82 15.66
C GLY A 240 -21.29 4.02 16.85
N SER A 241 -21.96 2.88 17.03
CA SER A 241 -21.58 1.87 18.01
C SER A 241 -21.31 0.58 17.25
N PHE A 242 -20.04 0.20 17.14
CA PHE A 242 -19.60 -0.83 16.21
C PHE A 242 -19.39 -2.15 16.95
N TRP A 243 -20.50 -2.84 17.21
CA TRP A 243 -20.47 -4.20 17.74
C TRP A 243 -21.87 -4.78 17.59
N ALA A 244 -22.00 -6.06 17.97
CA ALA A 244 -23.23 -6.82 17.74
C ALA A 244 -24.30 -6.55 18.78
N GLN A 245 -24.02 -5.76 19.81
CA GLN A 245 -24.96 -5.59 20.90
C GLN A 245 -26.05 -4.59 20.54
N PRO A 246 -27.13 -4.56 21.31
CA PRO A 246 -28.19 -3.57 21.07
C PRO A 246 -27.70 -2.16 21.35
N LEU A 247 -28.57 -1.20 21.04
CA LEU A 247 -28.28 0.20 21.30
C LEU A 247 -28.83 0.60 22.66
N GLN A 248 -28.09 1.48 23.34
CA GLN A 248 -28.58 2.07 24.58
C GLN A 248 -29.42 3.32 24.33
N ASN A 249 -28.82 4.35 23.72
CA ASN A 249 -29.49 5.61 23.43
C ASN A 249 -29.92 5.56 21.97
N THR A 250 -31.15 5.11 21.73
CA THR A 250 -31.66 4.88 20.38
C THR A 250 -32.10 6.16 19.67
N ASP A 251 -31.84 7.33 20.25
CA ASP A 251 -32.30 8.57 19.61
C ASP A 251 -31.68 8.77 18.24
N ASN A 252 -30.48 8.23 18.01
CA ASN A 252 -29.83 8.36 16.71
C ASN A 252 -29.57 6.99 16.08
N ARG A 253 -30.58 6.13 16.09
CA ARG A 253 -30.39 4.80 15.51
C ARG A 253 -30.14 4.90 14.01
N ARG A 254 -30.96 5.68 13.30
CA ARG A 254 -30.80 5.80 11.85
C ARG A 254 -29.41 6.30 11.49
N LEU A 255 -28.92 7.32 12.20
CA LEU A 255 -27.58 7.85 11.95
C LEU A 255 -26.53 6.74 12.09
N PHE A 256 -26.47 6.12 13.27
CA PHE A 256 -25.44 5.13 13.53
C PHE A 256 -25.42 4.03 12.49
N GLU A 257 -26.58 3.71 11.90
CA GLU A 257 -26.64 2.66 10.90
C GLU A 257 -26.08 3.12 9.56
N ALA A 258 -26.42 4.33 9.13
CA ALA A 258 -25.86 4.86 7.88
C ALA A 258 -24.36 5.04 7.99
N GLU A 259 -23.88 5.48 9.17
CA GLU A 259 -22.44 5.65 9.37
C GLU A 259 -21.71 4.32 9.26
N ALA A 260 -22.31 3.26 9.81
CA ALA A 260 -21.70 1.93 9.69
C ALA A 260 -21.68 1.48 8.24
N GLN A 261 -22.75 1.76 7.49
CA GLN A 261 -22.76 1.40 6.08
C GLN A 261 -21.73 2.22 5.31
N ASP A 262 -21.61 3.51 5.62
CA ASP A 262 -20.55 4.32 5.00
C ASP A 262 -19.17 3.75 5.33
N LEU A 263 -19.01 3.16 6.52
CA LEU A 263 -17.74 2.56 6.88
C LEU A 263 -17.51 1.27 6.11
N PHE A 264 -18.50 0.37 6.10
CA PHE A 264 -18.37 -0.88 5.35
C PHE A 264 -18.06 -0.61 3.89
N ARG A 265 -18.65 0.45 3.33
CA ARG A 265 -18.38 0.76 1.92
C ARG A 265 -16.95 1.25 1.74
N ASP A 266 -16.43 2.05 2.68
CA ASP A 266 -15.04 2.50 2.60
C ASP A 266 -14.10 1.31 2.58
N ILE A 267 -14.20 0.44 3.57
CA ILE A 267 -13.31 -0.71 3.66
C ILE A 267 -13.49 -1.63 2.45
N GLN A 268 -14.74 -1.88 2.07
CA GLN A 268 -15.00 -2.80 0.97
C GLN A 268 -14.43 -2.28 -0.34
N SER A 269 -14.14 -0.99 -0.43
CA SER A 269 -13.57 -0.43 -1.65
C SER A 269 -12.05 -0.61 -1.74
N LEU A 270 -11.38 -0.83 -0.60
CA LEU A 270 -9.93 -0.90 -0.58
C LEU A 270 -9.35 -1.88 -1.59
N PRO A 271 -9.80 -3.14 -1.66
CA PRO A 271 -9.23 -4.04 -2.68
C PRO A 271 -9.42 -3.55 -4.09
N GLN A 272 -10.53 -2.86 -4.37
CA GLN A 272 -10.74 -2.29 -5.70
C GLN A 272 -9.75 -1.16 -5.96
N LYS A 273 -9.61 -0.23 -5.02
CA LYS A 273 -8.64 0.84 -5.18
C LYS A 273 -7.24 0.29 -5.38
N ALA A 274 -6.90 -0.78 -4.67
CA ALA A 274 -5.57 -1.38 -4.83
C ALA A 274 -5.40 -1.96 -6.23
N ALA A 275 -6.43 -2.64 -6.74
CA ALA A 275 -6.35 -3.20 -8.09
C ALA A 275 -5.99 -2.12 -9.10
N VAL A 276 -6.65 -0.97 -9.01
CA VAL A 276 -6.36 0.13 -9.93
C VAL A 276 -4.93 0.63 -9.75
N ARG A 277 -4.50 0.79 -8.49
CA ARG A 277 -3.14 1.24 -8.23
C ARG A 277 -2.12 0.29 -8.85
N LYS A 278 -2.37 -1.01 -8.74
CA LYS A 278 -1.48 -1.99 -9.38
C LYS A 278 -1.58 -1.89 -10.90
N LEU A 279 -2.79 -1.73 -11.43
CA LEU A 279 -2.97 -1.62 -12.87
C LEU A 279 -2.24 -0.40 -13.41
N ASN A 280 -2.26 0.71 -12.66
CA ASN A 280 -1.53 1.89 -13.10
C ASN A 280 -0.03 1.68 -12.98
N ASP A 281 0.43 1.01 -11.92
CA ASP A 281 1.85 0.74 -11.75
C ASP A 281 2.37 -0.14 -12.88
N LEU A 282 1.61 -1.16 -13.26
CA LEU A 282 2.01 -2.02 -14.38
C LEU A 282 2.11 -1.21 -15.67
N ILE A 283 1.14 -0.32 -15.91
CA ILE A 283 1.18 0.55 -17.08
C ILE A 283 2.46 1.38 -17.07
N LYS A 284 2.73 2.05 -15.95
CA LYS A 284 3.91 2.90 -15.88
C LYS A 284 5.18 2.10 -16.07
N ARG A 285 5.24 0.90 -15.49
CA ARG A 285 6.41 0.04 -15.70
C ARG A 285 6.57 -0.29 -17.18
N ALA A 286 5.46 -0.69 -17.83
CA ALA A 286 5.53 -1.06 -19.24
C ALA A 286 5.98 0.11 -20.11
N ARG A 287 5.61 1.34 -19.73
CA ARG A 287 6.09 2.51 -20.47
C ARG A 287 7.58 2.73 -20.23
N LEU A 288 8.04 2.59 -18.99
CA LEU A 288 9.46 2.76 -18.70
C LEU A 288 10.29 1.70 -19.42
N ALA A 289 9.78 0.48 -19.52
CA ALA A 289 10.50 -0.57 -20.23
C ALA A 289 10.68 -0.20 -21.71
N LYS A 290 9.63 0.37 -22.32
CA LYS A 290 9.74 0.81 -23.71
C LYS A 290 10.87 1.81 -23.88
N VAL A 291 10.88 2.86 -23.05
CA VAL A 291 11.95 3.86 -23.14
C VAL A 291 13.31 3.19 -22.99
N HIS A 292 13.46 2.35 -21.98
CA HIS A 292 14.72 1.64 -21.77
C HIS A 292 15.12 0.85 -23.00
N ALA A 293 14.15 0.23 -23.67
CA ALA A 293 14.45 -0.56 -24.87
C ALA A 293 14.84 0.34 -26.03
N TYR A 294 14.21 1.50 -26.16
CA TYR A 294 14.56 2.42 -27.23
C TYR A 294 15.95 3.02 -27.01
N ILE A 295 16.30 3.29 -25.75
CA ILE A 295 17.63 3.85 -25.45
C ILE A 295 18.71 2.84 -25.80
N ILE A 296 18.66 1.66 -25.16
CA ILE A 296 19.68 0.64 -25.40
C ILE A 296 19.79 0.33 -26.88
N SER A 297 18.65 0.24 -27.57
CA SER A 297 18.67 -0.05 -29.00
C SER A 297 19.44 1.02 -29.77
N TYR A 298 19.12 2.29 -29.53
CA TYR A 298 19.83 3.36 -30.23
C TYR A 298 21.33 3.28 -29.95
N LEU A 299 21.71 3.05 -28.70
CA LEU A 299 23.12 2.92 -28.37
C LEU A 299 23.77 1.80 -29.15
N LYS A 300 23.07 0.68 -29.31
CA LYS A 300 23.58 -0.43 -30.13
C LYS A 300 23.64 -0.03 -31.60
N LYS A 301 22.59 0.64 -32.09
CA LYS A 301 22.53 1.00 -33.51
C LYS A 301 23.75 1.80 -33.93
N GLU A 302 24.16 2.77 -33.11
CA GLU A 302 25.23 3.69 -33.51
C GLU A 302 26.61 3.06 -33.39
N MET A 303 26.76 1.98 -32.64
CA MET A 303 28.09 1.41 -32.43
C MET A 303 28.70 0.99 -33.76
N PRO A 304 29.98 1.24 -33.97
CA PRO A 304 30.60 0.87 -35.25
C PRO A 304 30.64 -0.63 -35.44
N ASN A 305 30.67 -1.06 -36.71
CA ASN A 305 30.68 -2.47 -37.03
C ASN A 305 31.97 -3.16 -36.59
N MET A 306 33.04 -2.41 -36.33
CA MET A 306 34.29 -3.03 -35.92
C MET A 306 35.06 -2.18 -34.91
N PHE A 307 35.82 -1.20 -35.36
CA PHE A 307 36.76 -0.49 -34.51
C PHE A 307 36.19 0.84 -34.02
N GLY A 308 36.95 1.48 -33.12
CA GLY A 308 36.47 2.69 -32.47
C GLY A 308 35.33 2.46 -31.52
N LYS A 309 35.30 1.31 -30.86
CA LYS A 309 34.16 0.94 -30.03
C LYS A 309 34.16 1.72 -28.72
N GLU A 310 35.29 1.72 -28.01
CA GLU A 310 35.35 2.45 -26.75
C GLU A 310 35.30 3.95 -26.96
N ASN A 311 35.75 4.44 -28.11
CA ASN A 311 35.63 5.85 -28.41
C ASN A 311 34.18 6.24 -28.69
N LYS A 312 33.47 5.40 -29.45
CA LYS A 312 32.06 5.67 -29.73
C LYS A 312 31.21 5.56 -28.46
N LYS A 313 31.49 4.55 -27.63
CA LYS A 313 30.75 4.37 -26.40
C LYS A 313 30.74 5.64 -25.56
N ARG A 314 31.91 6.27 -25.40
CA ARG A 314 31.99 7.46 -24.58
C ARG A 314 31.31 8.67 -25.23
N GLU A 315 31.37 8.76 -26.57
CA GLU A 315 30.67 9.84 -27.25
C GLU A 315 29.17 9.74 -27.03
N LEU A 316 28.61 8.53 -27.12
CA LEU A 316 27.18 8.35 -26.91
C LEU A 316 26.78 8.75 -25.49
N ILE A 317 27.52 8.26 -24.50
CA ILE A 317 27.19 8.57 -23.10
C ILE A 317 27.21 10.07 -22.87
N TYR A 318 28.20 10.77 -23.43
CA TYR A 318 28.28 12.21 -23.25
C TYR A 318 27.13 12.91 -23.95
N ARG A 319 26.74 12.42 -25.12
CA ARG A 319 25.64 12.99 -25.88
C ARG A 319 24.29 12.38 -25.49
N LEU A 320 24.21 11.66 -24.38
CA LEU A 320 22.96 11.01 -24.00
C LEU A 320 21.82 12.02 -23.83
N PRO A 321 22.01 13.20 -23.24
CA PRO A 321 20.91 14.17 -23.20
C PRO A 321 20.32 14.45 -24.57
N GLU A 322 21.17 14.63 -25.58
CA GLU A 322 20.68 14.81 -26.95
C GLU A 322 19.95 13.57 -27.44
N ILE A 323 20.40 12.38 -27.02
CA ILE A 323 19.75 11.14 -27.43
C ILE A 323 18.29 11.14 -26.96
N TYR A 324 18.08 11.50 -25.69
CA TYR A 324 16.72 11.55 -25.14
C TYR A 324 15.79 12.35 -26.04
N VAL A 325 16.20 13.57 -26.40
CA VAL A 325 15.36 14.40 -27.26
C VAL A 325 15.22 13.75 -28.63
N GLN A 326 16.29 13.11 -29.13
CA GLN A 326 16.22 12.42 -30.40
C GLN A 326 15.12 11.35 -30.38
N LEU A 327 15.03 10.60 -29.27
CA LEU A 327 14.05 9.51 -29.19
C LEU A 327 12.65 10.04 -28.91
N GLN A 328 12.53 11.06 -28.05
CA GLN A 328 11.21 11.60 -27.72
C GLN A 328 10.47 12.04 -28.98
N ARG A 329 11.19 12.56 -29.97
CA ARG A 329 10.55 13.10 -31.16
C ARG A 329 10.14 11.99 -32.13
N GLU A 330 11.05 11.08 -32.44
CA GLU A 330 10.77 10.04 -33.43
C GLU A 330 10.03 8.84 -32.83
N TYR A 331 9.46 8.99 -31.62
CA TYR A 331 8.58 7.97 -31.07
C TYR A 331 7.42 8.58 -30.29
N GLN A 332 7.27 9.90 -30.30
CA GLN A 332 6.20 10.60 -29.61
C GLN A 332 5.97 10.00 -28.22
N ILE A 333 6.99 10.13 -27.38
CA ILE A 333 6.96 9.67 -26.00
C ILE A 333 7.35 10.83 -25.09
N SER A 334 6.88 10.79 -23.85
CA SER A 334 7.13 11.87 -22.92
C SER A 334 8.52 11.75 -22.30
N ALA A 335 9.12 12.91 -22.03
CA ALA A 335 10.36 12.96 -21.26
C ALA A 335 10.14 12.66 -19.79
N GLY A 336 8.90 12.40 -19.37
CA GLY A 336 8.60 12.15 -17.97
C GLY A 336 8.95 10.75 -17.51
N ASP A 337 8.60 9.75 -18.32
CA ASP A 337 8.91 8.36 -18.01
C ASP A 337 10.29 7.95 -18.50
N PHE A 338 11.15 8.91 -18.83
CA PHE A 338 12.55 8.64 -19.09
C PHE A 338 13.32 8.54 -17.77
N PRO A 339 14.27 7.61 -17.66
CA PRO A 339 15.09 7.55 -16.45
C PRO A 339 16.03 8.75 -16.38
N GLU A 340 16.46 9.05 -15.15
CA GLU A 340 17.34 10.19 -14.95
C GLU A 340 18.58 10.07 -15.83
N VAL A 341 19.03 11.20 -16.35
CA VAL A 341 20.11 11.19 -17.34
C VAL A 341 21.41 10.73 -16.68
N LYS A 342 21.82 11.38 -15.59
CA LYS A 342 23.12 11.10 -15.01
C LYS A 342 23.18 9.69 -14.44
N ALA A 343 22.09 9.22 -13.82
CA ALA A 343 22.11 7.87 -13.24
C ALA A 343 22.32 6.82 -14.32
N MET A 344 21.75 7.03 -15.51
CA MET A 344 22.02 6.14 -16.63
C MET A 344 23.50 6.18 -17.01
N GLN A 345 24.02 7.38 -17.26
CA GLN A 345 25.42 7.53 -17.65
C GLN A 345 26.35 6.81 -16.68
N GLU A 346 26.12 6.96 -15.38
CA GLU A 346 26.95 6.29 -14.40
C GLU A 346 26.90 4.78 -14.57
N GLN A 347 25.76 4.23 -14.99
CA GLN A 347 25.61 2.80 -15.16
C GLN A 347 26.02 2.32 -16.55
N LEU A 348 25.80 3.13 -17.59
CA LEU A 348 26.20 2.74 -18.93
C LEU A 348 27.71 2.61 -19.08
N GLU A 349 28.48 3.06 -18.08
CA GLU A 349 29.93 2.85 -18.12
C GLU A 349 30.26 1.36 -18.07
N ASN A 350 29.44 0.57 -17.37
CA ASN A 350 29.76 -0.82 -17.06
C ASN A 350 29.20 -1.80 -18.09
N TYR A 351 28.95 -1.37 -19.33
CA TYR A 351 28.28 -2.21 -20.31
C TYR A 351 28.98 -2.14 -21.65
N ASP A 352 29.34 -3.31 -22.18
CA ASP A 352 29.84 -3.46 -23.53
C ASP A 352 28.69 -3.14 -24.47
N PHE A 353 28.70 -1.92 -25.02
CA PHE A 353 27.60 -1.46 -25.84
C PHE A 353 27.29 -2.41 -26.98
N THR A 354 28.30 -3.09 -27.50
CA THR A 354 28.10 -3.95 -28.66
C THR A 354 27.35 -5.22 -28.31
N LYS A 355 27.26 -5.58 -27.04
CA LYS A 355 26.54 -6.78 -26.63
C LYS A 355 25.05 -6.53 -26.45
N PHE A 356 24.60 -5.27 -26.47
CA PHE A 356 23.18 -4.99 -26.44
C PHE A 356 22.49 -5.62 -27.65
N HIS A 357 21.16 -5.66 -27.60
CA HIS A 357 20.35 -6.21 -28.67
C HIS A 357 19.76 -5.09 -29.52
N SER A 358 19.70 -5.32 -30.83
CA SER A 358 19.01 -4.41 -31.71
C SER A 358 17.53 -4.36 -31.32
N LEU A 359 16.82 -3.37 -31.86
CA LEU A 359 15.42 -3.21 -31.53
C LEU A 359 14.62 -4.42 -32.02
N LYS A 360 13.65 -4.84 -31.22
CA LYS A 360 12.79 -5.98 -31.53
C LYS A 360 11.36 -5.47 -31.64
N PRO A 361 10.90 -5.07 -32.83
CA PRO A 361 9.52 -4.58 -32.94
C PRO A 361 8.51 -5.59 -32.44
N LYS A 362 8.84 -6.88 -32.49
CA LYS A 362 7.95 -7.91 -31.98
C LYS A 362 7.65 -7.71 -30.50
N LEU A 363 8.65 -7.29 -29.72
CA LEU A 363 8.45 -7.15 -28.29
C LEU A 363 7.72 -5.86 -27.93
N ILE A 364 7.95 -4.79 -28.69
CA ILE A 364 7.25 -3.53 -28.40
C ILE A 364 5.79 -3.64 -28.79
N GLU A 365 5.49 -4.26 -29.94
CA GLU A 365 4.11 -4.47 -30.33
C GLU A 365 3.36 -5.27 -29.28
N ALA A 366 4.02 -6.26 -28.67
CA ALA A 366 3.39 -7.05 -27.62
C ALA A 366 2.97 -6.18 -26.45
N VAL A 367 3.75 -5.15 -26.13
CA VAL A 367 3.42 -4.26 -25.03
C VAL A 367 2.34 -3.27 -25.44
N ASP A 368 2.48 -2.68 -26.63
CA ASP A 368 1.50 -1.70 -27.09
C ASP A 368 0.14 -2.35 -27.30
N ASN A 369 0.11 -3.62 -27.71
CA ASN A 369 -1.17 -4.34 -27.80
C ASN A 369 -1.75 -4.61 -26.42
N MET A 370 -0.89 -4.73 -25.41
CA MET A 370 -1.37 -4.85 -24.03
C MET A 370 -1.99 -3.55 -23.55
N LEU A 371 -1.36 -2.42 -23.88
CA LEU A 371 -1.81 -1.14 -23.35
C LEU A 371 -3.09 -0.67 -24.04
N THR A 372 -3.26 -0.96 -25.33
CA THR A 372 -4.44 -0.50 -26.05
C THR A 372 -5.64 -1.39 -25.80
N ASN A 373 -5.46 -2.71 -25.93
CA ASN A 373 -6.57 -3.65 -25.93
C ASN A 373 -6.76 -4.36 -24.58
N LYS A 374 -5.68 -4.94 -24.04
CA LYS A 374 -5.81 -5.87 -22.91
C LYS A 374 -6.23 -5.17 -21.62
N ILE A 375 -5.95 -3.88 -21.46
CA ILE A 375 -6.23 -3.21 -20.19
C ILE A 375 -7.68 -2.77 -20.09
N SER A 376 -8.26 -2.31 -21.20
CA SER A 376 -9.65 -1.88 -21.17
C SER A 376 -10.57 -2.94 -20.59
N SER A 377 -10.20 -4.21 -20.73
CA SER A 377 -11.02 -5.30 -20.20
C SER A 377 -10.83 -5.47 -18.69
N LEU A 378 -9.59 -5.38 -18.21
CA LEU A 378 -9.35 -5.49 -16.77
C LEU A 378 -10.10 -4.40 -16.02
N MET A 379 -9.95 -3.15 -16.45
CA MET A 379 -10.71 -2.07 -15.82
C MET A 379 -12.20 -2.34 -15.88
N GLY A 380 -12.66 -3.11 -16.85
CA GLY A 380 -14.03 -3.57 -16.85
C GLY A 380 -14.29 -4.65 -15.83
N LEU A 381 -13.30 -5.53 -15.60
CA LEU A 381 -13.43 -6.52 -14.55
C LEU A 381 -13.40 -5.88 -13.17
N ILE A 382 -12.65 -4.79 -13.02
CA ILE A 382 -12.67 -4.03 -11.76
C ILE A 382 -13.98 -3.28 -11.61
N SER A 383 -14.47 -2.69 -12.71
CA SER A 383 -15.72 -1.93 -12.65
C SER A 383 -16.84 -2.76 -12.04
N GLN A 384 -16.98 -4.01 -12.49
CA GLN A 384 -17.98 -4.90 -11.90
C GLN A 384 -17.59 -5.25 -10.47
N GLU A 385 -17.74 -4.29 -9.57
CA GLU A 385 -17.39 -4.46 -8.16
C GLU A 385 -17.64 -5.87 -7.64
PB ADP B . -9.39 -2.12 23.07
O1B ADP B . -10.28 -1.43 22.07
O2B ADP B . -8.68 -3.33 22.53
O3B ADP B . -8.52 -1.17 23.86
PA ADP B . -11.46 -3.86 23.74
O1A ADP B . -11.76 -3.68 22.27
O2A ADP B . -10.89 -5.18 24.20
O3A ADP B . -10.41 -2.73 24.16
O5' ADP B . -12.78 -3.56 24.61
C5' ADP B . -12.81 -2.49 25.57
C4' ADP B . -14.13 -2.53 26.35
O4' ADP B . -15.08 -1.66 25.74
C3' ADP B . -14.75 -3.91 26.39
O3' ADP B . -14.72 -4.42 27.74
C2' ADP B . -16.19 -3.76 25.94
O2' ADP B . -17.08 -4.23 26.95
C1' ADP B . -16.38 -2.26 25.70
N9 ADP B . -17.00 -2.01 24.38
C8 ADP B . -16.58 -2.51 23.20
N7 ADP B . -17.35 -2.08 22.18
C5 ADP B . -18.31 -1.30 22.69
C6 ADP B . -19.46 -0.52 22.17
N6 ADP B . -19.75 -0.51 20.84
N1 ADP B . -20.21 0.16 23.05
C2 ADP B . -19.94 0.16 24.37
N3 ADP B . -18.91 -0.52 24.91
C4 ADP B . -18.08 -1.25 24.14
MG MG C . -7.14 -4.25 20.57
#